data_7BNG
#
_entry.id   7BNG
#
_cell.length_a   36.898
_cell.length_b   55.232
_cell.length_c   48.994
_cell.angle_alpha   90.000
_cell.angle_beta   93.410
_cell.angle_gamma   90.000
#
_symmetry.space_group_name_H-M   'P 1 21 1'
#
loop_
_entity.id
_entity.type
_entity.pdbx_description
1 polymer Lysostaphin
2 non-polymer GLYCEROL
3 non-polymer L-CANAVANINE
4 non-polymer 'SULFATE ION'
5 water water
#
_entity_poly.entity_id   1
_entity_poly.type   'polypeptide(L)'
_entity_poly.pdbx_seq_one_letter_code
;SNATYKVDGKGTYYKAESASFTANYDIKTRLNGPFRSNPQSGVLHPGQTIKYDTVMKQDGHVWVVYTGYSGKRIYLPVRT
WDKNSNTLGPLWGIIN
;
_entity_poly.pdbx_strand_id   A,B
#
# COMPACT_ATOMS: atom_id res chain seq x y z
N SER A 1 16.94 -15.66 2.70
CA SER A 1 16.14 -16.66 2.01
C SER A 1 15.20 -17.25 3.06
N ASN A 2 14.25 -18.05 2.63
CA ASN A 2 13.26 -18.63 3.56
C ASN A 2 13.90 -19.59 4.54
N ALA A 3 15.02 -20.17 4.16
CA ALA A 3 15.59 -21.22 4.99
C ALA A 3 15.95 -20.73 6.39
N THR A 4 16.11 -19.42 6.59
CA THR A 4 16.57 -18.84 7.85
C THR A 4 15.42 -18.50 8.77
N TYR A 5 14.20 -18.67 8.32
CA TYR A 5 13.05 -18.31 9.13
C TYR A 5 12.49 -19.54 9.82
N LYS A 6 11.87 -19.33 10.99
CA LYS A 6 11.01 -20.31 11.65
C LYS A 6 9.56 -19.91 11.34
N VAL A 7 8.62 -20.71 11.83
CA VAL A 7 7.20 -20.49 11.53
C VAL A 7 6.37 -20.63 12.80
N ASP A 8 5.44 -19.70 13.00
CA ASP A 8 4.60 -19.75 14.19
C ASP A 8 3.29 -20.48 13.90
N GLY A 9 2.39 -20.45 14.88
CA GLY A 9 1.14 -21.20 14.78
C GLY A 9 0.14 -20.62 13.79
N LYS A 10 0.33 -19.37 13.37
CA LYS A 10 -0.50 -18.77 12.34
C LYS A 10 0.15 -18.87 10.96
N GLY A 11 1.27 -19.57 10.85
CA GLY A 11 2.00 -19.70 9.59
C GLY A 11 2.86 -18.50 9.26
N THR A 12 3.05 -17.56 10.20
CA THR A 12 3.94 -16.44 9.98
C THR A 12 5.38 -16.91 10.07
N TYR A 13 6.18 -16.60 9.04
CA TYR A 13 7.63 -16.87 9.11
C TYR A 13 8.32 -15.74 9.83
N TYR A 14 9.29 -16.07 10.67
CA TYR A 14 9.89 -15.05 11.53
C TYR A 14 11.35 -15.38 11.78
N LYS A 15 12.13 -14.33 12.07
CA LYS A 15 13.51 -14.49 12.49
C LYS A 15 13.97 -13.22 13.15
N ALA A 16 15.03 -13.33 13.95
CA ALA A 16 15.68 -12.17 14.53
C ALA A 16 16.50 -11.44 13.48
N GLU A 17 16.39 -10.12 13.47
CA GLU A 17 17.16 -9.28 12.56
C GLU A 17 17.11 -7.89 13.15
N SER A 18 18.26 -7.28 13.39
CA SER A 18 18.33 -5.98 14.02
CA SER A 18 18.35 -5.98 14.03
C SER A 18 18.93 -5.00 13.01
N ALA A 19 18.16 -3.98 12.66
CA ALA A 19 18.61 -2.96 11.72
C ALA A 19 17.69 -1.76 11.89
N SER A 20 17.94 -0.73 11.09
CA SER A 20 17.12 0.48 11.06
C SER A 20 16.44 0.58 9.70
N PHE A 21 15.20 1.07 9.70
CA PHE A 21 14.40 1.27 8.50
C PHE A 21 13.92 2.70 8.50
N THR A 22 14.17 3.39 7.39
CA THR A 22 13.69 4.74 7.15
C THR A 22 12.71 4.69 5.99
N ALA A 23 11.51 5.19 6.25
CA ALA A 23 10.43 5.13 5.26
C ALA A 23 10.62 6.13 4.14
N ASN A 24 10.21 5.73 2.91
CA ASN A 24 10.11 6.65 1.80
C ASN A 24 8.66 6.99 1.47
N TYR A 25 7.71 6.41 2.20
CA TYR A 25 6.28 6.60 1.98
C TYR A 25 5.59 6.67 3.34
N ASP A 26 4.34 7.14 3.33
CA ASP A 26 3.47 6.91 4.48
C ASP A 26 3.14 5.42 4.53
N ILE A 27 3.52 4.75 5.62
CA ILE A 27 3.27 3.32 5.74
C ILE A 27 2.50 3.07 7.02
N LYS A 28 1.32 2.44 6.89
CA LYS A 28 0.52 2.14 8.07
C LYS A 28 1.13 1.01 8.89
N THR A 29 1.23 1.23 10.19
CA THR A 29 1.74 0.21 11.10
C THR A 29 0.58 -0.44 11.83
N ARG A 30 0.82 -1.66 12.30
CA ARG A 30 -0.25 -2.44 12.92
C ARG A 30 0.13 -2.88 14.34
N LEU A 31 -0.89 -3.11 15.15
CA LEU A 31 -0.74 -3.75 16.46
C LEU A 31 -1.04 -5.24 16.34
N ASN A 32 -0.60 -6.00 17.35
CA ASN A 32 -0.98 -7.39 17.59
C ASN A 32 -0.25 -8.40 16.73
N GLY A 33 -0.06 -8.11 15.46
CA GLY A 33 0.64 -9.03 14.58
C GLY A 33 0.70 -8.49 13.17
N PRO A 34 1.43 -9.21 12.29
CA PRO A 34 1.69 -8.74 10.92
C PRO A 34 0.54 -9.06 9.96
N PHE A 35 -0.61 -8.44 10.21
CA PHE A 35 -1.79 -8.55 9.36
C PHE A 35 -2.39 -7.17 9.17
N ARG A 36 -2.70 -6.82 7.93
CA ARG A 36 -3.28 -5.50 7.71
C ARG A 36 -4.69 -5.38 8.28
N SER A 37 -5.35 -6.50 8.56
CA SER A 37 -6.66 -6.41 9.20
C SER A 37 -6.58 -6.11 10.69
N ASN A 38 -5.40 -6.12 11.29
CA ASN A 38 -5.24 -5.81 12.68
C ASN A 38 -5.46 -4.32 12.94
N PRO A 39 -5.62 -3.96 14.22
CA PRO A 39 -5.75 -2.54 14.56
C PRO A 39 -4.55 -1.75 14.08
N GLN A 40 -4.81 -0.50 13.68
CA GLN A 40 -3.74 0.35 13.20
C GLN A 40 -3.05 1.01 14.38
N SER A 41 -1.72 0.90 14.42
CA SER A 41 -0.95 1.59 15.44
C SER A 41 -0.76 3.05 15.05
N GLY A 42 -0.54 3.29 13.79
CA GLY A 42 -0.26 4.63 13.28
C GLY A 42 0.42 4.55 11.95
N VAL A 43 1.46 5.35 11.72
CA VAL A 43 2.08 5.43 10.42
C VAL A 43 3.52 5.85 10.60
N LEU A 44 4.39 5.35 9.71
CA LEU A 44 5.68 6.00 9.47
C LEU A 44 5.51 6.99 8.35
N HIS A 45 5.96 8.20 8.57
CA HIS A 45 6.02 9.19 7.52
C HIS A 45 7.37 9.14 6.82
N PRO A 46 7.45 9.58 5.56
CA PRO A 46 8.75 9.59 4.87
C PRO A 46 9.82 10.26 5.71
N GLY A 47 10.97 9.64 5.75
CA GLY A 47 12.08 10.17 6.49
C GLY A 47 12.13 9.80 7.94
N GLN A 48 11.11 9.11 8.47
CA GLN A 48 11.14 8.64 9.85
C GLN A 48 11.84 7.29 9.91
N THR A 49 12.66 7.13 10.92
CA THR A 49 13.49 5.93 11.10
C THR A 49 13.08 5.22 12.39
N ILE A 50 12.97 3.89 12.31
CA ILE A 50 12.72 3.04 13.51
C ILE A 50 13.79 1.95 13.53
N LYS A 51 14.08 1.43 14.72
CA LYS A 51 15.02 0.34 14.90
CA LYS A 51 15.01 0.33 14.91
C LYS A 51 14.22 -0.93 15.20
N TYR A 52 14.35 -1.92 14.35
CA TYR A 52 13.57 -3.14 14.51
C TYR A 52 14.46 -4.28 14.99
N ASP A 53 13.81 -5.33 15.50
CA ASP A 53 14.51 -6.49 16.04
C ASP A 53 14.09 -7.83 15.47
N THR A 54 13.00 -7.89 14.73
CA THR A 54 12.45 -9.12 14.22
C THR A 54 11.86 -8.82 12.85
N VAL A 55 12.01 -9.77 11.95
CA VAL A 55 11.45 -9.70 10.61
CA VAL A 55 11.43 -9.69 10.62
C VAL A 55 10.44 -10.83 10.46
N MET A 56 9.30 -10.56 9.84
CA MET A 56 8.31 -11.58 9.61
C MET A 56 7.77 -11.51 8.19
N LYS A 57 7.24 -12.63 7.72
CA LYS A 57 6.59 -12.69 6.41
C LYS A 57 5.20 -13.26 6.62
N GLN A 58 4.17 -12.45 6.32
CA GLN A 58 2.78 -12.83 6.54
C GLN A 58 1.93 -11.86 5.72
N ASP A 59 0.71 -12.29 5.39
CA ASP A 59 -0.28 -11.37 4.78
C ASP A 59 0.33 -10.58 3.63
N GLY A 60 1.05 -11.29 2.76
CA GLY A 60 1.52 -10.70 1.52
C GLY A 60 2.66 -9.70 1.65
N HIS A 61 3.34 -9.63 2.79
CA HIS A 61 4.37 -8.61 2.99
C HIS A 61 5.50 -9.17 3.84
N VAL A 62 6.66 -8.52 3.72
CA VAL A 62 7.69 -8.62 4.76
C VAL A 62 7.40 -7.49 5.74
N TRP A 63 7.45 -7.81 7.04
CA TRP A 63 7.24 -6.86 8.10
C TRP A 63 8.46 -6.81 9.00
N VAL A 64 8.68 -5.65 9.62
CA VAL A 64 9.62 -5.59 10.74
C VAL A 64 8.88 -5.21 12.00
N VAL A 65 9.45 -5.59 13.15
CA VAL A 65 8.75 -5.46 14.43
C VAL A 65 9.64 -4.64 15.37
N TYR A 66 9.02 -3.67 16.03
CA TYR A 66 9.72 -2.83 17.01
C TYR A 66 8.79 -2.57 18.18
N THR A 67 9.32 -1.91 19.20
CA THR A 67 8.58 -1.64 20.43
C THR A 67 8.34 -0.14 20.54
N GLY A 68 7.10 0.24 20.82
CA GLY A 68 6.78 1.64 21.03
C GLY A 68 7.13 2.09 22.44
N TYR A 69 6.91 3.39 22.71
CA TYR A 69 7.29 3.95 23.99
C TYR A 69 6.65 3.22 25.16
N SER A 70 5.36 2.90 25.04
CA SER A 70 4.66 2.22 26.13
C SER A 70 4.94 0.72 26.18
N GLY A 71 5.75 0.20 25.26
CA GLY A 71 6.05 -1.21 25.22
C GLY A 71 5.19 -2.01 24.27
N LYS A 72 4.25 -1.36 23.58
CA LYS A 72 3.45 -2.04 22.57
C LYS A 72 4.36 -2.50 21.44
N ARG A 73 4.11 -3.69 20.94
CA ARG A 73 4.81 -4.20 19.77
C ARG A 73 4.10 -3.72 18.51
N ILE A 74 4.89 -3.19 17.58
CA ILE A 74 4.37 -2.51 16.39
C ILE A 74 4.94 -3.22 15.18
N TYR A 75 4.06 -3.53 14.23
CA TYR A 75 4.35 -4.32 13.05
C TYR A 75 4.29 -3.42 11.83
N LEU A 76 5.42 -3.30 11.14
CA LEU A 76 5.57 -2.38 10.01
C LEU A 76 5.83 -3.15 8.72
N PRO A 77 4.92 -3.11 7.74
CA PRO A 77 5.19 -3.73 6.45
C PRO A 77 6.20 -2.88 5.66
N VAL A 78 7.16 -3.53 5.02
CA VAL A 78 8.22 -2.80 4.34
C VAL A 78 8.33 -3.14 2.84
N ARG A 79 7.69 -4.20 2.36
CA ARG A 79 7.72 -4.59 0.95
C ARG A 79 6.72 -5.72 0.77
N THR A 80 6.33 -5.98 -0.47
CA THR A 80 5.44 -7.11 -0.75
C THR A 80 6.23 -8.41 -0.74
N TRP A 81 5.52 -9.51 -0.55
CA TRP A 81 6.14 -10.83 -0.52
C TRP A 81 5.12 -11.83 -1.04
N ASP A 82 5.50 -12.61 -2.03
CA ASP A 82 4.63 -13.66 -2.58
C ASP A 82 5.01 -14.99 -1.97
N LYS A 83 4.10 -15.57 -1.18
CA LYS A 83 4.45 -16.73 -0.37
C LYS A 83 4.90 -17.91 -1.22
N ASN A 84 4.19 -18.18 -2.32
CA ASN A 84 4.52 -19.41 -3.05
C ASN A 84 5.86 -19.34 -3.76
N SER A 85 6.31 -18.15 -4.17
CA SER A 85 7.56 -17.99 -4.90
C SER A 85 8.67 -17.35 -4.08
N ASN A 86 8.35 -16.85 -2.89
CA ASN A 86 9.24 -15.99 -2.12
C ASN A 86 9.71 -14.75 -2.89
N THR A 87 8.95 -14.28 -3.86
CA THR A 87 9.33 -13.08 -4.60
C THR A 87 9.05 -11.85 -3.75
N LEU A 88 10.00 -10.93 -3.70
CA LEU A 88 9.86 -9.72 -2.89
C LEU A 88 9.73 -8.50 -3.78
N GLY A 89 8.87 -7.58 -3.37
CA GLY A 89 8.72 -6.31 -4.05
C GLY A 89 9.79 -5.34 -3.61
N PRO A 90 9.83 -4.19 -4.28
CA PRO A 90 10.81 -3.16 -3.89
C PRO A 90 10.59 -2.73 -2.46
N LEU A 91 11.67 -2.41 -1.76
CA LEU A 91 11.56 -1.94 -0.39
C LEU A 91 10.99 -0.53 -0.35
N TRP A 92 10.14 -0.28 0.65
CA TRP A 92 9.43 0.96 0.81
C TRP A 92 10.24 1.99 1.59
N GLY A 93 11.55 1.85 1.57
CA GLY A 93 12.40 2.67 2.42
C GLY A 93 13.82 2.15 2.38
N ILE A 94 14.64 2.60 3.31
CA ILE A 94 16.07 2.28 3.34
C ILE A 94 16.36 1.47 4.58
N ILE A 95 17.14 0.39 4.43
CA ILE A 95 17.61 -0.38 5.58
C ILE A 95 19.10 -0.08 5.75
N ASN A 96 19.49 0.27 6.97
CA ASN A 96 20.92 0.41 7.22
C ASN A 96 21.25 0.19 8.69
N SER B 1 3.27 15.96 -9.17
CA SER B 1 2.99 16.84 -8.01
C SER B 1 1.58 17.46 -8.15
N ASN B 2 1.09 18.14 -7.10
CA ASN B 2 -0.27 18.73 -7.04
C ASN B 2 -0.47 19.83 -8.10
N ALA B 3 0.60 20.53 -8.49
CA ALA B 3 0.59 21.66 -9.45
C ALA B 3 -0.03 21.28 -10.79
N THR B 4 0.07 20.01 -11.21
CA THR B 4 -0.42 19.49 -12.49
C THR B 4 -1.86 19.01 -12.44
N TYR B 5 -2.55 19.12 -11.32
CA TYR B 5 -3.92 18.65 -11.28
C TYR B 5 -4.89 19.83 -11.34
N LYS B 6 -6.08 19.57 -11.87
CA LYS B 6 -7.21 20.49 -11.81
C LYS B 6 -8.13 20.04 -10.68
N VAL B 7 -9.20 20.74 -10.42
CA VAL B 7 -10.03 20.45 -9.27
C VAL B 7 -11.49 20.53 -9.66
N ASP B 8 -12.28 19.59 -9.14
CA ASP B 8 -13.69 19.60 -9.54
C ASP B 8 -14.54 20.25 -8.44
N GLY B 9 -15.86 20.17 -8.60
CA GLY B 9 -16.76 20.83 -7.68
C GLY B 9 -16.80 20.24 -6.28
N LYS B 10 -16.39 18.98 -6.13
CA LYS B 10 -16.29 18.34 -4.83
C LYS B 10 -14.89 18.45 -4.26
N GLY B 11 -13.98 19.17 -4.93
CA GLY B 11 -12.62 19.25 -4.43
C GLY B 11 -11.71 18.10 -4.78
N THR B 12 -12.17 17.19 -5.64
CA THR B 12 -11.30 16.13 -6.13
C THR B 12 -10.28 16.71 -7.10
N TYR B 13 -9.00 16.39 -6.89
CA TYR B 13 -7.97 16.73 -7.84
C TYR B 13 -7.96 15.70 -8.95
N TYR B 14 -7.78 16.16 -10.19
CA TYR B 14 -7.79 15.22 -11.29
C TYR B 14 -6.89 15.69 -12.43
N LYS B 15 -6.41 14.72 -13.21
CA LYS B 15 -5.67 15.04 -14.42
C LYS B 15 -5.70 13.85 -15.35
N ALA B 16 -5.52 14.13 -16.63
CA ALA B 16 -5.38 13.08 -17.62
C ALA B 16 -4.04 12.37 -17.48
N GLU B 17 -4.09 11.05 -17.51
CA GLU B 17 -2.89 10.21 -17.47
C GLU B 17 -3.28 8.85 -18.01
N SER B 18 -2.61 8.40 -19.05
CA SER B 18 -2.89 7.11 -19.67
CA SER B 18 -2.89 7.11 -19.67
CA SER B 18 -2.89 7.11 -19.67
C SER B 18 -1.72 6.17 -19.40
N ALA B 19 -2.00 5.10 -18.68
CA ALA B 19 -1.01 4.07 -18.38
C ALA B 19 -1.78 2.81 -18.01
N SER B 20 -1.04 1.75 -17.70
N SER B 20 -1.04 1.75 -17.71
CA SER B 20 -1.59 0.50 -17.22
CA SER B 20 -1.61 0.51 -17.21
C SER B 20 -1.25 0.37 -15.74
C SER B 20 -1.26 0.37 -15.74
N PHE B 21 -2.16 -0.27 -14.99
CA PHE B 21 -1.93 -0.58 -13.58
C PHE B 21 -2.18 -2.06 -13.39
N THR B 22 -1.24 -2.76 -12.74
CA THR B 22 -1.36 -4.17 -12.41
C THR B 22 -1.41 -4.30 -10.89
N ALA B 23 -2.48 -4.88 -10.38
CA ALA B 23 -2.64 -4.95 -8.93
C ALA B 23 -1.67 -5.93 -8.27
N ASN B 24 -1.17 -5.53 -7.10
CA ASN B 24 -0.47 -6.45 -6.21
C ASN B 24 -1.38 -7.08 -5.19
N TYR B 25 -2.55 -6.50 -4.96
CA TYR B 25 -3.44 -6.87 -3.88
C TYR B 25 -4.85 -7.02 -4.44
N ASP B 26 -5.71 -7.56 -3.61
CA ASP B 26 -7.13 -7.43 -3.84
C ASP B 26 -7.50 -5.98 -3.53
N ILE B 27 -8.11 -5.30 -4.48
CA ILE B 27 -8.44 -3.89 -4.37
C ILE B 27 -9.88 -3.70 -4.85
N LYS B 28 -10.75 -3.20 -3.98
CA LYS B 28 -12.12 -2.94 -4.37
C LYS B 28 -12.26 -1.68 -5.21
N THR B 29 -13.03 -1.79 -6.30
CA THR B 29 -13.32 -0.70 -7.22
C THR B 29 -14.71 -0.14 -7.01
N ARG B 30 -14.87 1.13 -7.35
CA ARG B 30 -16.10 1.87 -7.08
C ARG B 30 -16.69 2.37 -8.37
N LEU B 31 -18.00 2.54 -8.34
CA LEU B 31 -18.76 3.25 -9.37
C LEU B 31 -18.93 4.69 -8.94
N ASN B 32 -19.25 5.53 -9.91
CA ASN B 32 -19.72 6.90 -9.74
C ASN B 32 -18.67 7.95 -9.42
N GLY B 33 -17.71 7.61 -8.59
CA GLY B 33 -16.67 8.55 -8.26
C GLY B 33 -15.70 7.98 -7.24
N PRO B 34 -14.63 8.73 -6.98
CA PRO B 34 -13.52 8.25 -6.14
C PRO B 34 -13.80 8.42 -4.65
N PHE B 35 -14.85 7.72 -4.17
CA PHE B 35 -15.23 7.65 -2.76
C PHE B 35 -15.47 6.19 -2.38
N ARG B 36 -14.83 5.76 -1.29
CA ARG B 36 -15.03 4.38 -0.84
C ARG B 36 -16.46 4.12 -0.42
N SER B 37 -17.22 5.16 -0.09
CA SER B 37 -18.63 5.00 0.28
C SER B 37 -19.51 4.75 -0.94
N ASN B 38 -18.99 4.86 -2.14
CA ASN B 38 -19.79 4.69 -3.34
C ASN B 38 -20.06 3.22 -3.59
N PRO B 39 -21.00 2.92 -4.49
CA PRO B 39 -21.32 1.51 -4.78
C PRO B 39 -20.08 0.80 -5.28
N GLN B 40 -19.99 -0.49 -4.93
CA GLN B 40 -18.84 -1.28 -5.33
C GLN B 40 -19.04 -1.82 -6.76
N SER B 41 -18.04 -1.57 -7.62
CA SER B 41 -18.05 -2.18 -8.97
C SER B 41 -17.59 -3.63 -8.90
N GLY B 42 -16.58 -3.90 -8.09
CA GLY B 42 -16.05 -5.25 -7.99
C GLY B 42 -14.66 -5.17 -7.38
N VAL B 43 -13.68 -5.81 -8.00
CA VAL B 43 -12.35 -5.96 -7.39
C VAL B 43 -11.32 -6.22 -8.48
N LEU B 44 -10.10 -5.70 -8.29
CA LEU B 44 -8.96 -6.25 -8.99
C LEU B 44 -8.25 -7.23 -8.07
N HIS B 45 -7.85 -8.34 -8.62
CA HIS B 45 -7.03 -9.31 -7.92
C HIS B 45 -5.58 -9.19 -8.36
N PRO B 46 -4.64 -9.69 -7.56
CA PRO B 46 -3.22 -9.59 -7.92
C PRO B 46 -2.96 -10.15 -9.32
N GLY B 47 -2.13 -9.43 -10.05
CA GLY B 47 -1.79 -9.77 -11.41
C GLY B 47 -2.77 -9.29 -12.46
N GLN B 48 -3.93 -8.76 -12.09
CA GLN B 48 -4.84 -8.23 -13.09
C GLN B 48 -4.42 -6.82 -13.47
N THR B 49 -4.55 -6.52 -14.74
CA THR B 49 -4.09 -5.27 -15.31
C THR B 49 -5.27 -4.55 -15.95
N ILE B 50 -5.39 -3.27 -15.70
CA ILE B 50 -6.36 -2.41 -16.41
C ILE B 50 -5.57 -1.24 -17.02
N LYS B 51 -6.17 -0.61 -18.04
CA LYS B 51 -5.62 0.59 -18.67
C LYS B 51 -6.49 1.77 -18.28
N TYR B 52 -5.90 2.79 -17.68
CA TYR B 52 -6.63 3.92 -17.17
C TYR B 52 -6.32 5.17 -17.99
N ASP B 53 -7.18 6.17 -17.85
CA ASP B 53 -7.04 7.42 -18.60
C ASP B 53 -7.06 8.68 -17.74
N THR B 54 -7.35 8.57 -16.44
CA THR B 54 -7.44 9.73 -15.55
C THR B 54 -7.00 9.29 -14.16
N VAL B 55 -6.32 10.20 -13.47
CA VAL B 55 -5.88 10.02 -12.09
CA VAL B 55 -5.91 10.00 -12.09
C VAL B 55 -6.60 11.06 -11.24
N MET B 56 -7.01 10.65 -10.04
CA MET B 56 -7.74 11.55 -9.14
C MET B 56 -7.17 11.39 -7.73
N LYS B 57 -7.29 12.44 -6.92
CA LYS B 57 -6.94 12.37 -5.48
C LYS B 57 -8.14 12.86 -4.70
N GLN B 58 -8.69 11.99 -3.85
CA GLN B 58 -9.89 12.22 -3.09
C GLN B 58 -10.01 11.09 -2.06
N ASP B 59 -10.72 11.37 -0.98
CA ASP B 59 -11.06 10.36 0.01
C ASP B 59 -9.82 9.59 0.45
N GLY B 60 -8.74 10.33 0.72
CA GLY B 60 -7.58 9.73 1.33
C GLY B 60 -6.76 8.83 0.44
N HIS B 61 -7.01 8.85 -0.88
CA HIS B 61 -6.31 7.97 -1.79
C HIS B 61 -6.07 8.66 -3.12
N VAL B 62 -5.12 8.08 -3.86
CA VAL B 62 -5.01 8.30 -5.30
C VAL B 62 -5.80 7.21 -5.99
N TRP B 63 -6.50 7.61 -7.04
CA TRP B 63 -7.35 6.72 -7.80
C TRP B 63 -6.99 6.81 -9.28
N VAL B 64 -7.24 5.73 -9.99
CA VAL B 64 -7.22 5.78 -11.45
C VAL B 64 -8.61 5.42 -11.95
N VAL B 65 -8.95 5.93 -13.13
CA VAL B 65 -10.32 5.78 -13.66
C VAL B 65 -10.24 5.16 -15.04
N TYR B 66 -11.10 4.16 -15.28
CA TYR B 66 -11.10 3.45 -16.56
C TYR B 66 -12.55 3.13 -16.92
N THR B 67 -12.74 2.65 -18.14
CA THR B 67 -14.08 2.29 -18.63
C THR B 67 -14.16 0.77 -18.64
N GLY B 68 -15.16 0.21 -17.97
CA GLY B 68 -15.34 -1.22 -17.96
C GLY B 68 -15.87 -1.73 -19.30
N TYR B 69 -15.91 -3.06 -19.45
CA TYR B 69 -16.41 -3.64 -20.69
C TYR B 69 -17.84 -3.18 -20.97
N SER B 70 -18.62 -3.00 -19.89
CA SER B 70 -20.00 -2.54 -19.95
C SER B 70 -20.12 -1.09 -20.38
N GLY B 71 -19.03 -0.31 -20.30
CA GLY B 71 -19.09 1.11 -20.58
C GLY B 71 -19.15 1.98 -19.35
N LYS B 72 -19.25 1.39 -18.15
CA LYS B 72 -19.30 2.18 -16.93
C LYS B 72 -17.91 2.69 -16.58
N ARG B 73 -17.86 3.85 -15.93
CA ARG B 73 -16.60 4.38 -15.43
C ARG B 73 -16.30 3.79 -14.05
N ILE B 74 -15.10 3.27 -13.90
CA ILE B 74 -14.70 2.51 -12.73
C ILE B 74 -13.55 3.24 -12.04
N TYR B 75 -13.67 3.40 -10.72
CA TYR B 75 -12.72 4.17 -9.94
C TYR B 75 -11.95 3.21 -9.04
N LEU B 76 -10.64 3.15 -9.25
CA LEU B 76 -9.78 2.15 -8.62
C LEU B 76 -8.79 2.89 -7.71
N PRO B 77 -8.86 2.73 -6.40
CA PRO B 77 -7.86 3.35 -5.52
C PRO B 77 -6.53 2.59 -5.66
N VAL B 78 -5.43 3.32 -5.69
CA VAL B 78 -4.12 2.71 -5.96
C VAL B 78 -3.06 2.95 -4.89
N ARG B 79 -3.27 3.89 -3.96
CA ARG B 79 -2.36 4.15 -2.87
C ARG B 79 -3.03 5.18 -1.98
N THR B 80 -2.53 5.29 -0.75
CA THR B 80 -3.01 6.35 0.12
C THR B 80 -2.44 7.71 -0.26
N TRP B 81 -3.18 8.75 0.11
CA TRP B 81 -2.74 10.13 -0.09
C TRP B 81 -3.24 10.98 1.06
N ASP B 82 -2.33 11.74 1.67
CA ASP B 82 -2.62 12.67 2.75
C ASP B 82 -2.84 14.05 2.16
N LYS B 83 -4.06 14.53 2.20
CA LYS B 83 -4.38 15.79 1.51
C LYS B 83 -3.64 17.00 2.09
N ASN B 84 -3.15 16.92 3.32
CA ASN B 84 -2.53 18.07 3.96
C ASN B 84 -1.04 18.17 3.71
N SER B 85 -0.36 17.05 3.45
CA SER B 85 1.07 17.03 3.15
C SER B 85 1.40 16.57 1.73
N ASN B 86 0.42 16.05 0.98
CA ASN B 86 0.60 15.45 -0.37
C ASN B 86 1.49 14.21 -0.26
N THR B 87 1.65 13.62 0.93
CA THR B 87 2.49 12.45 1.00
C THR B 87 1.69 11.24 0.52
N LEU B 88 2.38 10.31 -0.09
CA LEU B 88 1.75 9.14 -0.66
C LEU B 88 2.17 7.90 0.09
N GLY B 89 1.28 6.93 0.13
CA GLY B 89 1.63 5.57 0.53
C GLY B 89 2.27 4.82 -0.63
N PRO B 90 2.75 3.62 -0.33
CA PRO B 90 3.27 2.76 -1.40
C PRO B 90 2.17 2.41 -2.38
N LEU B 91 2.56 2.33 -3.66
CA LEU B 91 1.61 1.93 -4.70
C LEU B 91 1.18 0.48 -4.44
N TRP B 92 -0.10 0.22 -4.69
CA TRP B 92 -0.72 -1.09 -4.50
C TRP B 92 -0.60 -1.97 -5.72
N GLY B 93 0.39 -1.70 -6.54
CA GLY B 93 0.56 -2.42 -7.77
C GLY B 93 1.69 -1.80 -8.55
N ILE B 94 1.67 -2.03 -9.87
CA ILE B 94 2.74 -1.61 -10.76
C ILE B 94 2.14 -0.83 -11.93
N ILE B 95 2.69 0.34 -12.19
CA ILE B 95 2.29 1.18 -13.31
C ILE B 95 3.35 1.04 -14.39
N ASN B 96 2.90 0.83 -15.62
CA ASN B 96 3.78 0.79 -16.77
C ASN B 96 3.09 1.20 -18.06
#